data_2CKZ
#
_entry.id   2CKZ
#
_cell.length_a   138.230
_cell.length_b   138.230
_cell.length_c   247.100
_cell.angle_alpha   90.00
_cell.angle_beta   90.00
_cell.angle_gamma   120.00
#
_symmetry.space_group_name_H-M   'P 61 2 2'
#
loop_
_entity.id
_entity.type
_entity.pdbx_description
1 polymer 'DNA-DIRECTED RNA POLYMERASE III 18 KD POLYPEPTIDE'
2 polymer 'DNA-DIRECTED RNA POLYMERASE III 25 KD POLYPEPTIDE'
#
loop_
_entity_poly.entity_id
_entity_poly.type
_entity_poly.pdbx_seq_one_letter_code
_entity_poly.pdbx_strand_id
1 'polypeptide(L)'
;MKVLEERNAFLSDYEVLKFLTDLEKKHLWDQKSLAALKKSRSKGKQNRPYNHPELQGITRNVVNYLSINKNFINQEDEGE
ERESSGAKDAEKSGISKMSDESFAELMTKLNSFKLFKAEKLQIVNQLPANMVHLYSIVEECDARFDEKTIEEMLEIISAY
A
;
A,C
2 'polypeptide(L)'
;MFILSKIADLVRIPPDQFHRDTISAITHQLNNKFANKIIPNVGLCITIYDLLTVEEGQLKPGDGSSYINVTFRAVVFKPF
LGEIVTGWISKCTAEGIKVSLLGIFDDIFIPQNMLFEGCYYTPEESAWIWPMDEETKLYFDVNEKIRFRIEREVFVDVKP
KSPKERELEERAQLENEIEGKNEETPQNEKPPAYALLGSCQTDGMGLVSWWEHHHHHH
;
B,D
#
# COMPACT_ATOMS: atom_id res chain seq x y z
N MET A 1 -4.78 -3.45 -28.30
CA MET A 1 -5.46 -4.50 -27.48
C MET A 1 -5.73 -5.76 -28.28
N LYS A 2 -5.25 -6.90 -27.76
CA LYS A 2 -5.41 -8.16 -28.46
C LYS A 2 -5.91 -9.28 -27.57
N VAL A 3 -6.84 -10.08 -28.09
CA VAL A 3 -7.40 -11.22 -27.38
C VAL A 3 -6.56 -12.49 -27.62
N LEU A 4 -5.91 -12.97 -26.57
CA LEU A 4 -5.07 -14.17 -26.67
C LEU A 4 -5.89 -15.44 -26.59
N GLU A 5 -7.02 -15.38 -25.90
CA GLU A 5 -7.95 -16.50 -25.80
C GLU A 5 -9.18 -16.14 -25.02
N GLU A 6 -10.25 -15.88 -25.77
CA GLU A 6 -11.54 -15.50 -25.23
C GLU A 6 -12.05 -16.43 -24.16
N ARG A 7 -11.83 -17.74 -24.33
CA ARG A 7 -12.27 -18.70 -23.32
C ARG A 7 -11.06 -19.42 -22.74
N ASN A 8 -10.48 -18.81 -21.71
CA ASN A 8 -9.29 -19.31 -21.03
C ASN A 8 -9.63 -20.24 -19.88
N ALA A 9 -10.88 -20.17 -19.42
CA ALA A 9 -11.31 -21.03 -18.33
C ALA A 9 -12.68 -20.66 -17.84
N PHE A 10 -13.41 -21.65 -17.36
CA PHE A 10 -14.73 -21.39 -16.82
C PHE A 10 -14.54 -21.00 -15.38
N LEU A 11 -15.26 -19.97 -14.94
CA LEU A 11 -15.23 -19.57 -13.55
C LEU A 11 -16.55 -20.11 -13.01
N SER A 12 -16.49 -21.05 -12.07
CA SER A 12 -17.71 -21.62 -11.50
C SER A 12 -18.54 -20.53 -10.86
N ASP A 13 -19.85 -20.75 -10.77
CA ASP A 13 -20.71 -19.75 -10.16
C ASP A 13 -20.14 -19.34 -8.80
N TYR A 14 -19.78 -20.33 -7.98
CA TYR A 14 -19.21 -20.05 -6.65
C TYR A 14 -17.97 -19.18 -6.75
N GLU A 15 -16.99 -19.63 -7.54
CA GLU A 15 -15.75 -18.88 -7.72
C GLU A 15 -16.02 -17.41 -8.05
N VAL A 16 -17.02 -17.17 -8.89
CA VAL A 16 -17.35 -15.79 -9.24
C VAL A 16 -17.87 -15.13 -7.97
N LEU A 17 -18.90 -15.73 -7.39
CA LEU A 17 -19.51 -15.19 -6.19
C LEU A 17 -18.45 -14.79 -5.18
N LYS A 18 -17.46 -15.65 -4.99
CA LYS A 18 -16.37 -15.37 -4.06
C LYS A 18 -15.57 -14.16 -4.55
N PHE A 19 -14.80 -14.33 -5.62
CA PHE A 19 -13.99 -13.26 -6.19
C PHE A 19 -14.66 -11.89 -6.19
N LEU A 20 -15.92 -11.85 -6.58
CA LEU A 20 -16.60 -10.57 -6.61
C LEU A 20 -16.92 -10.09 -5.21
N THR A 21 -17.15 -11.04 -4.31
CA THR A 21 -17.46 -10.71 -2.93
C THR A 21 -16.22 -10.17 -2.24
N ASP A 22 -15.12 -10.91 -2.32
CA ASP A 22 -13.87 -10.46 -1.71
C ASP A 22 -13.45 -9.13 -2.33
N LEU A 23 -13.86 -8.91 -3.57
CA LEU A 23 -13.50 -7.68 -4.25
C LEU A 23 -14.17 -6.47 -3.66
N GLU A 24 -15.45 -6.60 -3.30
CA GLU A 24 -16.18 -5.49 -2.73
C GLU A 24 -15.58 -5.07 -1.39
N LYS A 25 -14.84 -5.98 -0.77
CA LYS A 25 -14.19 -5.70 0.51
C LYS A 25 -13.02 -4.76 0.31
N LYS A 26 -12.02 -5.20 -0.47
CA LYS A 26 -10.87 -4.35 -0.74
C LYS A 26 -11.30 -2.89 -0.98
N HIS A 27 -12.47 -2.72 -1.58
CA HIS A 27 -12.93 -1.39 -1.91
C HIS A 27 -14.05 -0.87 -1.04
N LEU A 28 -14.34 -1.56 0.04
CA LEU A 28 -15.40 -1.12 0.95
C LEU A 28 -16.73 -0.89 0.25
N TRP A 29 -17.33 -1.96 -0.26
CA TRP A 29 -18.61 -1.88 -0.95
C TRP A 29 -19.60 -2.90 -0.37
N ASP A 30 -19.36 -3.32 0.88
CA ASP A 30 -20.23 -4.30 1.53
C ASP A 30 -21.29 -3.69 2.44
N GLN A 31 -22.42 -4.39 2.59
CA GLN A 31 -23.50 -3.91 3.44
C GLN A 31 -22.96 -3.34 4.74
N LYS A 32 -22.12 -4.12 5.41
CA LYS A 32 -21.52 -3.69 6.68
C LYS A 32 -20.70 -2.41 6.53
N SER A 33 -19.61 -2.48 5.78
CA SER A 33 -18.75 -1.32 5.59
C SER A 33 -19.42 -0.13 4.90
N LEU A 34 -20.55 -0.36 4.21
CA LEU A 34 -21.23 0.76 3.56
C LEU A 34 -22.01 1.57 4.58
N ALA A 35 -22.51 0.90 5.62
CA ALA A 35 -23.27 1.55 6.68
C ALA A 35 -22.39 2.10 7.80
N ALA A 36 -21.17 1.59 7.92
CA ALA A 36 -20.24 2.04 8.97
C ALA A 36 -19.31 3.15 8.48
N LEU A 37 -19.57 3.65 7.27
CA LEU A 37 -18.75 4.71 6.70
C LEU A 37 -19.60 5.95 6.35
N ARG A 48 -13.20 7.28 -0.78
CA ARG A 48 -14.35 7.34 0.15
C ARG A 48 -15.32 8.47 -0.23
N PRO A 49 -14.19 4.36 0.42
CA PRO A 49 -14.09 3.25 -0.53
C PRO A 49 -13.64 3.69 -1.93
N TYR A 50 -13.32 2.69 -2.75
CA TYR A 50 -12.87 2.90 -4.12
C TYR A 50 -13.95 3.66 -4.92
N ASN A 51 -13.53 4.69 -5.65
CA ASN A 51 -14.46 5.50 -6.42
C ASN A 51 -15.21 4.78 -7.54
N HIS A 52 -14.47 4.19 -8.48
CA HIS A 52 -15.07 3.47 -9.62
C HIS A 52 -16.54 3.17 -9.46
N PRO A 53 -17.39 3.91 -10.18
CA PRO A 53 -18.83 3.68 -10.06
C PRO A 53 -19.29 2.49 -10.91
N GLU A 54 -18.69 2.34 -12.08
CA GLU A 54 -19.05 1.26 -12.99
C GLU A 54 -18.59 -0.09 -12.48
N LEU A 55 -17.35 -0.19 -12.01
CA LEU A 55 -16.91 -1.48 -11.52
C LEU A 55 -17.75 -1.82 -10.30
N GLN A 56 -17.89 -0.89 -9.38
CA GLN A 56 -18.68 -1.11 -8.17
C GLN A 56 -20.06 -1.49 -8.61
N GLY A 57 -20.56 -0.74 -9.60
CA GLY A 57 -21.88 -0.98 -10.15
C GLY A 57 -22.14 -2.43 -10.53
N ILE A 58 -21.54 -2.88 -11.63
CA ILE A 58 -21.75 -4.24 -12.09
C ILE A 58 -21.30 -5.28 -11.07
N THR A 59 -20.26 -4.98 -10.31
CA THR A 59 -19.78 -5.95 -9.34
C THR A 59 -20.88 -6.37 -8.38
N ARG A 60 -21.68 -5.39 -7.94
CA ARG A 60 -22.78 -5.67 -7.03
C ARG A 60 -23.83 -6.53 -7.72
N ASN A 61 -24.29 -6.07 -8.88
CA ASN A 61 -25.29 -6.79 -9.65
C ASN A 61 -24.96 -8.25 -9.93
N VAL A 62 -23.72 -8.55 -10.27
CA VAL A 62 -23.35 -9.93 -10.56
C VAL A 62 -23.54 -10.74 -9.28
N VAL A 63 -23.19 -10.15 -8.14
CA VAL A 63 -23.32 -10.84 -6.87
C VAL A 63 -24.76 -11.06 -6.46
N ASN A 64 -25.57 -10.01 -6.60
CA ASN A 64 -26.98 -10.11 -6.26
C ASN A 64 -27.68 -11.17 -7.13
N TYR A 65 -27.05 -11.52 -8.25
CA TYR A 65 -27.59 -12.51 -9.17
C TYR A 65 -27.26 -13.93 -8.73
N LEU A 66 -25.98 -14.21 -8.55
CA LEU A 66 -25.55 -15.54 -8.15
C LEU A 66 -25.95 -15.96 -6.74
N SER A 67 -26.37 -15.01 -5.91
CA SER A 67 -26.75 -15.34 -4.55
C SER A 67 -28.26 -15.59 -4.41
N ILE A 68 -29.01 -15.29 -5.46
CA ILE A 68 -30.46 -15.52 -5.45
C ILE A 68 -30.73 -16.96 -5.83
N ASN A 69 -30.44 -17.34 -6.98
N MET B 1 -21.30 -20.18 -16.91
CA MET B 1 -21.78 -18.88 -17.52
C MET B 1 -20.70 -17.81 -17.58
N PHE B 2 -19.78 -17.81 -16.61
CA PHE B 2 -18.70 -16.84 -16.64
C PHE B 2 -17.39 -17.52 -16.99
N ILE B 3 -16.49 -16.76 -17.59
CA ILE B 3 -15.21 -17.30 -17.99
C ILE B 3 -14.12 -16.26 -17.79
N LEU B 4 -12.90 -16.62 -18.18
CA LEU B 4 -11.75 -15.73 -18.09
C LEU B 4 -11.22 -15.58 -19.49
N SER B 5 -10.68 -14.41 -19.82
CA SER B 5 -10.14 -14.16 -21.16
C SER B 5 -8.74 -13.59 -21.08
N LYS B 6 -7.79 -14.31 -21.67
CA LYS B 6 -6.40 -13.87 -21.69
C LYS B 6 -6.28 -12.73 -22.69
N ILE B 7 -5.92 -11.54 -22.21
CA ILE B 7 -5.82 -10.37 -23.06
C ILE B 7 -4.52 -9.60 -22.90
N ALA B 8 -4.16 -8.84 -23.93
CA ALA B 8 -2.95 -8.02 -23.92
C ALA B 8 -3.35 -6.61 -24.29
N ASP B 9 -2.67 -5.62 -23.73
CA ASP B 9 -2.99 -4.22 -24.02
C ASP B 9 -1.99 -3.24 -23.42
N LEU B 10 -2.00 -2.02 -23.93
CA LEU B 10 -1.10 -0.97 -23.46
C LEU B 10 -1.82 -0.07 -22.46
N VAL B 11 -1.14 0.22 -21.36
CA VAL B 11 -1.71 1.07 -20.33
C VAL B 11 -0.89 2.35 -20.18
N ARG B 12 -1.54 3.42 -19.71
CA ARG B 12 -0.82 4.67 -19.50
C ARG B 12 -0.97 5.13 -18.05
N ILE B 13 0.13 5.08 -17.30
CA ILE B 13 0.12 5.50 -15.91
C ILE B 13 0.67 6.93 -15.79
N PRO B 14 -0.13 7.85 -15.21
CA PRO B 14 0.24 9.25 -15.01
C PRO B 14 1.30 9.44 -13.92
N PRO B 15 2.11 10.51 -14.03
CA PRO B 15 3.16 10.77 -13.05
C PRO B 15 2.55 10.96 -11.67
N ASP B 16 1.30 11.41 -11.65
CA ASP B 16 0.58 11.65 -10.41
C ASP B 16 0.37 10.34 -9.66
N GLN B 17 0.73 9.22 -10.28
CA GLN B 17 0.55 7.91 -9.65
C GLN B 17 1.78 7.03 -9.59
N PHE B 18 2.91 7.56 -10.04
CA PHE B 18 4.15 6.78 -10.02
C PHE B 18 4.50 6.31 -8.62
N HIS B 19 3.90 6.93 -7.61
CA HIS B 19 4.16 6.58 -6.21
C HIS B 19 3.19 5.53 -5.69
N ARG B 20 2.25 5.13 -6.52
CA ARG B 20 1.26 4.12 -6.12
C ARG B 20 1.78 2.73 -6.46
N ASP B 21 1.15 1.71 -5.90
CA ASP B 21 1.54 0.32 -6.18
C ASP B 21 1.39 0.15 -7.68
N THR B 22 2.49 0.31 -8.41
CA THR B 22 2.47 0.21 -9.86
C THR B 22 1.43 -0.78 -10.42
N ILE B 23 1.46 -2.01 -9.96
CA ILE B 23 0.53 -3.01 -10.46
C ILE B 23 -0.94 -2.77 -10.07
N SER B 24 -1.18 -2.27 -8.87
CA SER B 24 -2.56 -1.98 -8.46
C SER B 24 -3.05 -0.84 -9.37
N ALA B 25 -2.12 0.05 -9.74
CA ALA B 25 -2.41 1.18 -10.62
C ALA B 25 -2.83 0.67 -11.99
N ILE B 26 -2.05 -0.27 -12.52
CA ILE B 26 -2.36 -0.87 -13.81
C ILE B 26 -3.80 -1.39 -13.78
N THR B 27 -4.07 -2.33 -12.88
CA THR B 27 -5.40 -2.88 -12.74
C THR B 27 -6.46 -1.78 -12.80
N HIS B 28 -6.20 -0.66 -12.11
CA HIS B 28 -7.14 0.46 -12.14
C HIS B 28 -7.38 0.85 -13.61
N GLN B 29 -6.33 1.19 -14.33
CA GLN B 29 -6.45 1.57 -15.74
C GLN B 29 -7.20 0.55 -16.59
N LEU B 30 -7.09 -0.73 -16.26
CA LEU B 30 -7.80 -1.73 -17.03
C LEU B 30 -9.29 -1.65 -16.75
N ASN B 31 -9.67 -1.70 -15.48
CA ASN B 31 -11.09 -1.61 -15.14
C ASN B 31 -11.64 -0.33 -15.78
N ASN B 32 -10.82 0.71 -15.75
CA ASN B 32 -11.17 2.01 -16.32
C ASN B 32 -11.62 1.84 -17.76
N LYS B 33 -10.88 1.00 -18.50
CA LYS B 33 -11.18 0.73 -19.90
C LYS B 33 -12.11 -0.45 -20.18
N PHE B 34 -12.14 -1.45 -19.29
CA PHE B 34 -12.98 -2.62 -19.50
C PHE B 34 -14.13 -2.92 -18.54
N ALA B 35 -13.99 -2.60 -17.25
CA ALA B 35 -15.07 -2.89 -16.31
C ALA B 35 -16.45 -2.54 -16.87
N ASN B 36 -17.33 -3.54 -16.90
CA ASN B 36 -18.70 -3.41 -17.41
C ASN B 36 -18.70 -2.74 -18.77
N LYS B 37 -17.85 -3.25 -19.65
CA LYS B 37 -17.75 -2.74 -20.99
C LYS B 37 -17.57 -3.94 -21.90
N ILE B 38 -18.02 -3.82 -23.14
CA ILE B 38 -17.92 -4.95 -24.05
C ILE B 38 -16.59 -5.15 -24.77
N ILE B 39 -16.20 -6.41 -24.84
CA ILE B 39 -14.96 -6.79 -25.52
C ILE B 39 -15.39 -7.35 -26.85
N PRO B 40 -15.19 -6.58 -27.93
CA PRO B 40 -15.51 -6.88 -29.33
C PRO B 40 -15.32 -8.34 -29.73
N ASN B 41 -16.42 -8.98 -30.11
CA ASN B 41 -16.40 -10.37 -30.53
C ASN B 41 -16.10 -11.36 -29.40
N VAL B 42 -16.19 -10.88 -28.17
CA VAL B 42 -15.97 -11.77 -27.04
C VAL B 42 -17.22 -11.70 -26.17
N GLY B 43 -17.34 -10.64 -25.39
CA GLY B 43 -18.51 -10.51 -24.54
C GLY B 43 -18.45 -9.35 -23.57
N LEU B 44 -19.21 -9.48 -22.49
CA LEU B 44 -19.26 -8.45 -21.46
C LEU B 44 -18.21 -8.64 -20.39
N CYS B 45 -17.24 -7.74 -20.35
CA CYS B 45 -16.16 -7.78 -19.38
C CYS B 45 -16.59 -7.19 -18.06
N ILE B 46 -16.46 -7.97 -17.00
CA ILE B 46 -16.86 -7.53 -15.68
C ILE B 46 -15.74 -6.87 -14.87
N THR B 47 -14.52 -7.34 -15.05
CA THR B 47 -13.39 -6.78 -14.32
C THR B 47 -12.17 -7.65 -14.57
N ILE B 48 -11.03 -7.22 -14.04
CA ILE B 48 -9.80 -7.96 -14.22
C ILE B 48 -9.68 -9.00 -13.12
N TYR B 49 -9.45 -10.26 -13.53
CA TYR B 49 -9.32 -11.34 -12.57
C TYR B 49 -7.92 -11.31 -12.00
N ASP B 50 -6.95 -11.03 -12.86
CA ASP B 50 -5.57 -10.94 -12.45
C ASP B 50 -4.65 -10.52 -13.58
N LEU B 51 -3.45 -10.10 -13.22
CA LEU B 51 -2.45 -9.70 -14.21
C LEU B 51 -1.52 -10.88 -14.35
N LEU B 52 -0.99 -11.08 -15.55
CA LEU B 52 -0.08 -12.20 -15.80
C LEU B 52 1.34 -11.73 -16.04
N THR B 53 1.51 -10.74 -16.92
CA THR B 53 2.83 -10.22 -17.24
C THR B 53 2.86 -8.71 -17.48
N VAL B 54 3.92 -8.05 -16.99
CA VAL B 54 4.10 -6.62 -17.14
C VAL B 54 5.52 -6.29 -17.58
N GLU B 55 5.66 -5.40 -18.56
CA GLU B 55 6.98 -5.01 -19.06
C GLU B 55 7.50 -3.76 -18.36
N GLU B 56 8.56 -3.17 -18.88
CA GLU B 56 9.11 -1.97 -18.27
C GLU B 56 8.43 -0.75 -18.86
N GLY B 57 8.23 0.26 -18.02
CA GLY B 57 7.55 1.47 -18.47
C GLY B 57 8.37 2.42 -19.32
N GLN B 58 8.02 2.51 -20.61
CA GLN B 58 8.71 3.39 -21.53
C GLN B 58 8.02 4.75 -21.45
N LEU B 59 8.80 5.82 -21.24
CA LEU B 59 8.25 7.16 -21.14
C LEU B 59 8.14 7.84 -22.49
N LYS B 60 7.20 8.78 -22.60
CA LYS B 60 7.00 9.54 -23.83
C LYS B 60 7.73 10.88 -23.64
N PRO B 61 8.31 11.42 -24.72
CA PRO B 61 9.03 12.70 -24.64
C PRO B 61 8.14 13.92 -24.43
N GLY B 62 6.83 13.72 -24.44
CA GLY B 62 5.91 14.83 -24.28
C GLY B 62 5.18 14.97 -22.96
N ASP B 63 5.03 13.87 -22.24
CA ASP B 63 4.35 13.87 -20.93
C ASP B 63 4.97 12.79 -20.06
N GLY B 64 5.33 13.15 -18.83
CA GLY B 64 5.97 12.21 -17.93
C GLY B 64 5.32 10.88 -17.60
N SER B 65 4.24 10.53 -18.31
CA SER B 65 3.55 9.26 -18.06
C SER B 65 4.22 8.07 -18.71
N SER B 66 4.46 7.01 -17.94
CA SER B 66 5.08 5.85 -18.54
C SER B 66 4.00 4.94 -19.12
N TYR B 67 4.31 4.31 -20.26
CA TYR B 67 3.38 3.40 -20.91
C TYR B 67 3.84 1.97 -20.63
N ILE B 68 2.89 1.08 -20.39
CA ILE B 68 3.22 -0.28 -20.02
C ILE B 68 2.40 -1.35 -20.75
N ASN B 69 3.09 -2.35 -21.29
CA ASN B 69 2.42 -3.45 -21.98
C ASN B 69 2.09 -4.51 -20.95
N VAL B 70 0.82 -4.88 -20.88
CA VAL B 70 0.37 -5.85 -19.91
C VAL B 70 -0.45 -6.99 -20.48
N THR B 71 -0.25 -8.18 -19.94
CA THR B 71 -0.97 -9.37 -20.35
C THR B 71 -1.78 -9.77 -19.12
N PHE B 72 -3.10 -9.85 -19.26
CA PHE B 72 -3.94 -10.18 -18.13
C PHE B 72 -5.14 -11.05 -18.47
N ARG B 73 -5.87 -11.45 -17.44
CA ARG B 73 -7.07 -12.26 -17.62
C ARG B 73 -8.21 -11.38 -17.09
N ALA B 74 -9.43 -11.64 -17.54
CA ALA B 74 -10.56 -10.85 -17.08
C ALA B 74 -11.82 -11.68 -16.98
N VAL B 75 -12.63 -11.39 -15.97
CA VAL B 75 -13.88 -12.08 -15.77
C VAL B 75 -14.89 -11.55 -16.77
N VAL B 76 -15.25 -12.41 -17.70
CA VAL B 76 -16.17 -12.04 -18.75
C VAL B 76 -17.49 -12.79 -18.75
N PHE B 77 -18.55 -12.05 -19.01
CA PHE B 77 -19.87 -12.63 -19.10
C PHE B 77 -20.03 -13.06 -20.53
N LYS B 78 -20.04 -14.36 -20.76
CA LYS B 78 -20.16 -14.88 -22.12
C LYS B 78 -20.80 -16.26 -22.11
N PRO B 79 -22.12 -16.32 -21.87
CA PRO B 79 -22.80 -17.61 -21.87
C PRO B 79 -22.44 -18.37 -23.12
N PHE B 80 -22.38 -19.69 -23.01
CA PHE B 80 -22.02 -20.55 -24.15
C PHE B 80 -23.23 -21.04 -24.93
N LEU B 81 -22.99 -21.49 -26.14
CA LEU B 81 -24.05 -21.99 -27.02
C LEU B 81 -24.63 -23.27 -26.48
N GLY B 82 -25.89 -23.21 -26.05
CA GLY B 82 -26.55 -24.40 -25.51
C GLY B 82 -26.91 -24.26 -24.05
N GLU B 83 -26.19 -23.40 -23.36
CA GLU B 83 -26.40 -23.17 -21.94
C GLU B 83 -27.83 -22.89 -21.58
N ILE B 84 -28.20 -23.22 -20.35
CA ILE B 84 -29.55 -22.92 -19.90
C ILE B 84 -29.46 -21.80 -18.87
N VAL B 85 -29.86 -20.60 -19.30
CA VAL B 85 -29.81 -19.42 -18.47
C VAL B 85 -31.15 -18.99 -17.89
N THR B 86 -31.08 -18.38 -16.72
CA THR B 86 -32.27 -17.92 -16.03
C THR B 86 -32.28 -16.41 -15.89
N GLY B 87 -33.40 -15.80 -16.23
CA GLY B 87 -33.51 -14.35 -16.13
C GLY B 87 -34.94 -13.89 -15.93
N TRP B 88 -35.18 -12.59 -16.11
CA TRP B 88 -36.52 -12.05 -15.95
C TRP B 88 -37.07 -11.41 -17.23
N ILE B 89 -38.31 -11.76 -17.57
CA ILE B 89 -38.93 -11.18 -18.75
C ILE B 89 -39.01 -9.68 -18.48
N SER B 90 -38.34 -8.89 -19.31
CA SER B 90 -38.34 -7.44 -19.16
C SER B 90 -39.33 -6.76 -20.10
N LYS B 91 -39.66 -7.42 -21.21
CA LYS B 91 -40.62 -6.84 -22.15
C LYS B 91 -41.16 -7.85 -23.16
N CYS B 92 -42.47 -7.77 -23.42
CA CYS B 92 -43.12 -8.66 -24.39
C CYS B 92 -43.52 -7.87 -25.61
N THR B 93 -42.68 -7.90 -26.64
CA THR B 93 -42.97 -7.18 -27.87
C THR B 93 -43.74 -8.15 -28.76
N ALA B 94 -44.39 -7.62 -29.77
CA ALA B 94 -45.18 -8.47 -30.66
C ALA B 94 -44.34 -9.47 -31.46
N GLU B 95 -43.01 -9.35 -31.36
CA GLU B 95 -42.13 -10.24 -32.11
C GLU B 95 -41.26 -11.11 -31.24
N GLY B 96 -41.46 -11.03 -29.93
CA GLY B 96 -40.65 -11.85 -29.05
C GLY B 96 -40.59 -11.38 -27.63
N ILE B 97 -39.76 -12.04 -26.83
CA ILE B 97 -39.62 -11.69 -25.44
C ILE B 97 -38.20 -11.22 -25.19
N LYS B 98 -38.08 -10.14 -24.41
CA LYS B 98 -36.76 -9.62 -24.04
C LYS B 98 -36.50 -10.04 -22.60
N VAL B 99 -35.33 -10.62 -22.37
CA VAL B 99 -34.94 -11.11 -21.06
C VAL B 99 -33.85 -10.23 -20.48
N SER B 100 -33.57 -10.40 -19.19
CA SER B 100 -32.53 -9.62 -18.54
C SER B 100 -31.91 -10.40 -17.40
N LEU B 101 -30.64 -10.12 -17.14
CA LEU B 101 -29.94 -10.75 -16.05
C LEU B 101 -29.79 -9.68 -14.98
N LEU B 102 -30.91 -9.01 -14.70
CA LEU B 102 -30.96 -7.94 -13.71
C LEU B 102 -29.69 -7.18 -13.43
N GLY B 103 -29.44 -6.14 -14.21
CA GLY B 103 -28.26 -5.34 -14.00
C GLY B 103 -27.02 -5.89 -14.67
N ILE B 104 -27.01 -7.18 -14.96
CA ILE B 104 -25.85 -7.77 -15.61
C ILE B 104 -25.87 -7.52 -17.12
N PHE B 105 -26.91 -8.04 -17.76
CA PHE B 105 -27.04 -7.95 -19.20
C PHE B 105 -28.53 -7.82 -19.57
N ASP B 106 -28.83 -6.89 -20.48
CA ASP B 106 -30.22 -6.67 -20.90
C ASP B 106 -30.49 -7.15 -22.31
N ASP B 107 -29.44 -7.42 -23.06
CA ASP B 107 -29.59 -7.84 -24.45
C ASP B 107 -29.82 -9.31 -24.73
N ILE B 108 -30.88 -9.84 -24.13
CA ILE B 108 -31.25 -11.22 -24.34
C ILE B 108 -32.62 -11.19 -25.01
N PHE B 109 -32.71 -11.73 -26.21
CA PHE B 109 -33.98 -11.72 -26.90
C PHE B 109 -34.35 -13.12 -27.32
N ILE B 110 -35.63 -13.45 -27.10
CA ILE B 110 -36.21 -14.75 -27.44
C ILE B 110 -37.31 -14.43 -28.42
N PRO B 111 -37.07 -14.67 -29.72
CA PRO B 111 -38.02 -14.41 -30.80
C PRO B 111 -39.00 -15.52 -31.01
N GLN B 112 -40.14 -15.18 -31.63
CA GLN B 112 -41.21 -16.12 -31.88
C GLN B 112 -40.78 -17.40 -32.58
N ASN B 113 -39.68 -17.36 -33.32
CA ASN B 113 -39.24 -18.58 -34.01
C ASN B 113 -38.45 -19.41 -33.01
N MET B 114 -38.49 -18.98 -31.76
CA MET B 114 -37.79 -19.66 -30.70
C MET B 114 -38.73 -20.16 -29.61
N LEU B 115 -39.94 -19.60 -29.53
CA LEU B 115 -40.90 -20.06 -28.53
C LEU B 115 -41.46 -21.44 -28.88
N PHE B 116 -42.43 -21.89 -28.09
CA PHE B 116 -43.05 -23.19 -28.32
C PHE B 116 -43.95 -23.06 -29.54
N GLU B 117 -44.06 -24.13 -30.30
CA GLU B 117 -44.90 -24.11 -31.49
C GLU B 117 -46.33 -23.76 -31.09
N GLY B 118 -46.79 -22.57 -31.45
CA GLY B 118 -48.14 -22.18 -31.14
C GLY B 118 -48.22 -20.85 -30.42
N CYS B 119 -47.12 -20.48 -29.79
CA CYS B 119 -47.09 -19.25 -29.04
C CYS B 119 -47.44 -18.04 -29.89
N TYR B 120 -48.36 -17.24 -29.38
CA TYR B 120 -48.77 -16.03 -30.06
C TYR B 120 -48.75 -14.86 -29.08
N TYR B 121 -48.86 -13.66 -29.60
CA TYR B 121 -48.80 -12.45 -28.80
C TYR B 121 -50.16 -11.77 -28.59
N THR B 122 -50.33 -11.08 -27.48
CA THR B 122 -51.58 -10.38 -27.17
C THR B 122 -51.28 -8.95 -26.80
N PRO B 123 -51.53 -8.00 -27.71
CA PRO B 123 -51.29 -6.58 -27.44
C PRO B 123 -52.29 -5.96 -26.45
N GLU B 124 -53.26 -6.74 -26.01
CA GLU B 124 -54.24 -6.21 -25.07
C GLU B 124 -53.73 -6.41 -23.64
N GLU B 125 -53.24 -7.61 -23.35
CA GLU B 125 -52.72 -7.93 -22.04
C GLU B 125 -51.21 -7.65 -22.02
N SER B 126 -50.63 -7.50 -23.20
CA SER B 126 -49.21 -7.22 -23.35
C SER B 126 -48.31 -8.42 -23.07
N ALA B 127 -48.77 -9.62 -23.43
CA ALA B 127 -47.97 -10.82 -23.19
C ALA B 127 -48.07 -11.90 -24.26
N TRP B 128 -47.19 -12.88 -24.15
CA TRP B 128 -47.17 -14.00 -25.07
C TRP B 128 -47.86 -15.20 -24.43
N ILE B 129 -48.76 -15.85 -25.18
CA ILE B 129 -49.48 -17.01 -24.68
C ILE B 129 -48.97 -18.32 -25.28
N TRP B 130 -49.06 -19.40 -24.50
CA TRP B 130 -48.64 -20.72 -24.95
C TRP B 130 -49.79 -21.72 -24.88
N PRO B 131 -50.13 -22.33 -26.02
CA PRO B 131 -51.21 -23.30 -26.05
C PRO B 131 -50.71 -24.75 -26.00
N MET B 132 -51.59 -25.61 -25.51
CA MET B 132 -51.33 -27.05 -25.39
C MET B 132 -52.67 -27.64 -24.96
N ASP B 133 -53.59 -27.79 -25.93
CA ASP B 133 -54.94 -28.32 -25.70
C ASP B 133 -55.91 -27.18 -25.40
N THR B 136 -56.65 -23.85 -22.19
CA THR B 136 -55.33 -24.34 -21.77
C THR B 136 -54.26 -23.34 -22.18
N LYS B 137 -54.41 -22.10 -21.72
CA LYS B 137 -53.46 -21.04 -22.09
C LYS B 137 -52.48 -20.63 -20.98
N LEU B 138 -51.19 -20.80 -21.26
CA LEU B 138 -50.13 -20.42 -20.34
C LEU B 138 -49.60 -19.06 -20.78
N TYR B 139 -49.38 -18.17 -19.83
CA TYR B 139 -48.92 -16.81 -20.15
C TYR B 139 -47.51 -16.38 -19.74
N PHE B 140 -46.59 -16.23 -20.70
CA PHE B 140 -45.26 -15.73 -20.35
C PHE B 140 -45.63 -14.29 -20.00
N ASP B 141 -45.54 -13.91 -18.74
CA ASP B 141 -45.88 -12.54 -18.38
C ASP B 141 -44.64 -11.75 -18.02
N VAL B 142 -44.79 -10.43 -17.97
CA VAL B 142 -43.68 -9.55 -17.64
C VAL B 142 -43.14 -9.78 -16.23
N ASN B 143 -41.85 -9.55 -16.05
CA ASN B 143 -41.20 -9.68 -14.75
C ASN B 143 -41.18 -11.04 -14.07
N GLU B 144 -41.51 -12.10 -14.79
CA GLU B 144 -41.50 -13.42 -14.19
C GLU B 144 -40.21 -14.13 -14.60
N LYS B 145 -39.60 -14.87 -13.69
CA LYS B 145 -38.36 -15.55 -14.02
C LYS B 145 -38.60 -16.45 -15.23
N ILE B 146 -37.65 -16.43 -16.17
CA ILE B 146 -37.75 -17.24 -17.38
C ILE B 146 -36.55 -18.16 -17.48
N ARG B 147 -36.77 -19.40 -17.87
CA ARG B 147 -35.67 -20.31 -18.07
C ARG B 147 -35.70 -20.38 -19.58
N PHE B 148 -34.53 -20.24 -20.20
CA PHE B 148 -34.46 -20.26 -21.66
C PHE B 148 -33.14 -20.88 -22.02
N ARG B 149 -33.04 -21.38 -23.23
CA ARG B 149 -31.78 -21.95 -23.68
C ARG B 149 -31.17 -20.94 -24.63
N ILE B 150 -29.88 -20.69 -24.48
CA ILE B 150 -29.22 -19.73 -25.34
C ILE B 150 -28.98 -20.37 -26.71
N GLU B 151 -29.39 -19.66 -27.77
CA GLU B 151 -29.29 -20.14 -29.15
C GLU B 151 -28.24 -19.51 -30.07
N ARG B 152 -28.20 -18.19 -30.15
CA ARG B 152 -27.20 -17.53 -30.98
C ARG B 152 -26.50 -16.41 -30.25
N GLU B 153 -25.22 -16.25 -30.59
CA GLU B 153 -24.34 -15.23 -30.02
C GLU B 153 -24.12 -14.22 -31.14
N VAL B 154 -24.76 -13.06 -31.03
CA VAL B 154 -24.69 -12.01 -32.05
C VAL B 154 -23.80 -10.82 -31.74
N PHE B 155 -22.74 -10.65 -32.54
CA PHE B 155 -21.83 -9.54 -32.36
C PHE B 155 -21.96 -8.51 -33.49
N VAL B 156 -21.58 -7.28 -33.18
CA VAL B 156 -21.66 -6.18 -34.13
C VAL B 156 -20.60 -5.12 -33.83
N ASP B 157 -19.73 -4.87 -34.81
CA ASP B 157 -18.69 -3.88 -34.65
C ASP B 157 -19.31 -2.47 -34.51
N VAL B 158 -19.05 -1.81 -33.39
CA VAL B 158 -19.60 -0.47 -33.14
C VAL B 158 -18.58 0.50 -32.55
N LYS B 190 -29.84 1.53 -30.25
CA LYS B 190 -29.50 0.34 -31.01
C LYS B 190 -28.61 0.69 -32.20
N PRO B 191 -27.83 -0.27 -32.70
CA PRO B 191 -27.72 -1.66 -32.25
C PRO B 191 -26.58 -1.88 -31.25
N PRO B 192 -26.70 -2.90 -30.38
CA PRO B 192 -25.72 -3.27 -29.36
C PRO B 192 -24.57 -4.16 -29.85
N ALA B 193 -23.36 -3.80 -29.46
CA ALA B 193 -22.15 -4.52 -29.85
C ALA B 193 -22.14 -5.99 -29.45
N TYR B 194 -23.04 -6.37 -28.56
CA TYR B 194 -23.13 -7.76 -28.10
C TYR B 194 -24.53 -8.02 -27.61
N ALA B 195 -25.12 -9.09 -28.15
CA ALA B 195 -26.47 -9.52 -27.79
C ALA B 195 -26.58 -11.03 -27.91
N LEU B 196 -27.64 -11.59 -27.34
CA LEU B 196 -27.85 -13.03 -27.37
C LEU B 196 -29.30 -13.42 -27.67
N LEU B 197 -29.46 -14.49 -28.44
CA LEU B 197 -30.79 -14.97 -28.75
C LEU B 197 -31.13 -16.21 -27.89
N GLY B 198 -32.34 -16.25 -27.37
CA GLY B 198 -32.71 -17.38 -26.54
C GLY B 198 -33.90 -18.16 -27.07
N SER B 199 -34.18 -19.29 -26.45
CA SER B 199 -35.31 -20.12 -26.84
C SER B 199 -36.13 -20.62 -25.65
N CYS B 200 -37.22 -21.29 -25.98
CA CYS B 200 -38.11 -21.86 -24.99
C CYS B 200 -38.86 -22.90 -25.80
N GLN B 201 -38.23 -24.02 -26.10
CA GLN B 201 -38.91 -25.02 -26.89
C GLN B 201 -38.82 -26.42 -26.30
N THR B 202 -38.35 -26.51 -25.07
CA THR B 202 -38.21 -27.82 -24.44
C THR B 202 -38.83 -27.88 -23.06
N ASP B 203 -39.32 -29.06 -22.69
CA ASP B 203 -39.94 -29.26 -21.38
C ASP B 203 -39.04 -28.59 -20.37
N GLY B 204 -39.63 -27.78 -19.51
CA GLY B 204 -38.85 -27.09 -18.49
C GLY B 204 -38.52 -25.64 -18.79
N MET B 205 -38.38 -25.26 -20.06
CA MET B 205 -38.07 -23.88 -20.38
C MET B 205 -39.32 -23.04 -20.52
N GLY B 206 -39.23 -21.80 -20.09
CA GLY B 206 -40.38 -20.92 -20.15
C GLY B 206 -40.43 -20.19 -18.83
N LEU B 207 -41.64 -19.85 -18.40
CA LEU B 207 -41.78 -19.17 -17.13
C LEU B 207 -41.44 -20.25 -16.10
N VAL B 208 -40.61 -19.92 -15.11
CA VAL B 208 -40.22 -20.91 -14.11
C VAL B 208 -41.37 -21.49 -13.29
N SER B 209 -42.34 -20.65 -12.90
CA SER B 209 -43.46 -21.14 -12.11
C SER B 209 -44.19 -22.31 -12.79
N TRP B 210 -43.84 -22.59 -14.03
CA TRP B 210 -44.49 -23.66 -14.78
C TRP B 210 -43.97 -25.06 -14.51
N TRP B 211 -42.77 -25.19 -13.95
CA TRP B 211 -42.24 -26.53 -13.69
C TRP B 211 -41.50 -26.82 -12.36
N GLU B 212 -41.75 -26.04 -11.32
CA GLU B 212 -41.06 -26.26 -10.04
C GLU B 212 -41.92 -26.92 -8.94
N HIS B 213 -42.98 -26.35 -8.61
N MET C 1 20.90 -10.39 -8.30
CA MET C 1 19.80 -9.44 -7.95
C MET C 1 20.22 -7.99 -8.17
N LYS C 2 20.82 -7.72 -9.33
CA LYS C 2 21.27 -6.38 -9.70
C LYS C 2 20.39 -5.28 -9.10
N VAL C 3 20.98 -4.40 -8.30
CA VAL C 3 20.24 -3.30 -7.71
C VAL C 3 20.16 -2.20 -8.76
N LEU C 4 19.05 -2.17 -9.49
CA LEU C 4 18.82 -1.20 -10.55
C LEU C 4 19.00 0.25 -10.11
N GLU C 5 18.37 0.62 -9.00
CA GLU C 5 18.46 1.99 -8.49
C GLU C 5 18.62 1.97 -6.98
N GLU C 6 19.68 2.61 -6.50
CA GLU C 6 19.95 2.67 -5.07
C GLU C 6 18.79 3.41 -4.42
N ARG C 7 18.58 4.64 -4.85
CA ARG C 7 17.49 5.46 -4.34
C ARG C 7 16.51 5.81 -5.46
N ASN C 8 15.43 5.03 -5.57
CA ASN C 8 14.43 5.25 -6.61
C ASN C 8 13.52 6.40 -6.25
N ALA C 9 13.47 6.71 -4.96
CA ALA C 9 12.65 7.80 -4.44
C ALA C 9 12.79 7.86 -2.92
N PHE C 10 12.26 8.92 -2.33
CA PHE C 10 12.32 9.04 -0.88
C PHE C 10 10.91 8.81 -0.34
N LEU C 11 10.79 8.28 0.87
CA LEU C 11 9.48 8.05 1.46
C LEU C 11 9.32 8.79 2.77
N SER C 12 8.34 9.67 2.81
CA SER C 12 8.01 10.45 4.00
C SER C 12 7.62 9.46 5.09
N ASP C 13 7.81 9.85 6.36
CA ASP C 13 7.44 8.96 7.45
C ASP C 13 5.99 8.52 7.25
N TYR C 14 5.12 9.49 6.98
CA TYR C 14 3.70 9.24 6.77
C TYR C 14 3.44 8.16 5.73
N GLU C 15 3.99 8.35 4.53
CA GLU C 15 3.77 7.36 3.48
C GLU C 15 4.14 5.99 4.02
N VAL C 16 5.30 5.91 4.67
CA VAL C 16 5.76 4.64 5.23
C VAL C 16 4.72 4.16 6.26
N LEU C 17 4.30 5.06 7.13
CA LEU C 17 3.33 4.69 8.14
C LEU C 17 2.06 4.18 7.47
N LYS C 18 1.56 4.94 6.50
CA LYS C 18 0.36 4.50 5.81
C LYS C 18 0.63 3.10 5.26
N PHE C 19 1.44 3.03 4.21
CA PHE C 19 1.81 1.76 3.55
C PHE C 19 1.92 0.56 4.48
N LEU C 20 2.38 0.79 5.70
CA LEU C 20 2.54 -0.31 6.63
C LEU C 20 1.28 -0.63 7.44
N THR C 21 0.55 0.41 7.82
CA THR C 21 -0.67 0.20 8.59
C THR C 21 -1.66 -0.60 7.73
N ASP C 22 -1.92 -0.11 6.52
CA ASP C 22 -2.84 -0.81 5.64
C ASP C 22 -2.27 -2.16 5.19
N LEU C 23 -0.98 -2.38 5.40
CA LEU C 23 -0.37 -3.66 5.03
C LEU C 23 -0.69 -4.61 6.17
N GLU C 24 -0.69 -4.07 7.38
CA GLU C 24 -1.03 -4.87 8.55
C GLU C 24 -2.45 -5.35 8.38
N LYS C 25 -3.33 -4.42 7.98
CA LYS C 25 -4.74 -4.71 7.77
C LYS C 25 -4.91 -5.88 6.78
N LYS C 26 -4.37 -5.72 5.57
CA LYS C 26 -4.46 -6.74 4.54
C LYS C 26 -4.01 -8.12 5.03
N HIS C 27 -3.21 -8.14 6.09
CA HIS C 27 -2.72 -9.42 6.61
C HIS C 27 -3.36 -9.78 7.96
N LEU C 28 -4.41 -9.06 8.32
CA LEU C 28 -5.12 -9.33 9.57
C LEU C 28 -4.25 -9.18 10.82
N TRP C 29 -3.44 -8.13 10.88
CA TRP C 29 -2.56 -7.91 12.04
C TRP C 29 -3.03 -6.77 12.94
N ASP C 30 -3.96 -5.95 12.46
CA ASP C 30 -4.43 -4.83 13.26
C ASP C 30 -4.93 -5.32 14.61
N GLN C 31 -4.42 -4.72 15.67
CA GLN C 31 -4.82 -5.09 17.02
C GLN C 31 -6.26 -5.62 17.07
N LYS C 32 -7.11 -5.02 16.24
CA LYS C 32 -8.53 -5.38 16.17
C LYS C 32 -8.73 -6.83 15.73
N SER C 33 -8.46 -7.10 14.45
CA SER C 33 -8.63 -8.45 13.92
C SER C 33 -7.90 -9.48 14.80
N LEU C 34 -6.66 -9.16 15.22
CA LEU C 34 -5.86 -10.09 16.05
C LEU C 34 -6.61 -10.56 17.31
N ALA C 35 -7.08 -9.58 18.11
CA ALA C 35 -7.82 -9.89 19.32
C ALA C 35 -9.12 -10.62 18.95
N ALA C 36 -9.79 -10.16 17.90
CA ALA C 36 -11.03 -10.82 17.49
C ALA C 36 -10.74 -12.24 16.96
N LEU C 37 -9.48 -12.53 16.63
CA LEU C 37 -9.11 -13.87 16.17
C LEU C 37 -8.39 -14.61 17.29
N ARG C 48 -4.23 -18.17 7.63
CA ARG C 48 -4.93 -17.76 8.83
C ARG C 48 -4.73 -18.74 9.98
N PRO C 49 -4.35 -15.09 9.53
CA PRO C 49 -3.56 -13.97 8.98
C PRO C 49 -2.58 -14.43 7.91
N TYR C 50 -1.35 -13.93 7.99
CA TYR C 50 -0.30 -14.26 7.04
C TYR C 50 0.76 -15.07 7.80
N ASN C 51 1.64 -15.74 7.06
CA ASN C 51 2.66 -16.55 7.72
C ASN C 51 4.09 -16.15 7.35
N HIS C 52 4.52 -15.00 7.87
CA HIS C 52 5.87 -14.50 7.61
C HIS C 52 6.32 -13.82 8.89
N PRO C 53 6.47 -14.59 9.98
CA PRO C 53 6.91 -14.06 11.27
C PRO C 53 8.33 -13.52 11.17
N GLU C 54 8.47 -12.44 10.41
CA GLU C 54 9.73 -11.77 10.20
C GLU C 54 9.34 -10.49 9.50
N LEU C 55 8.17 -10.51 8.86
CA LEU C 55 7.65 -9.34 8.18
C LEU C 55 6.84 -8.56 9.21
N GLN C 56 6.49 -9.21 10.30
CA GLN C 56 5.76 -8.54 11.38
C GLN C 56 6.84 -7.87 12.21
N GLY C 57 7.94 -8.59 12.39
CA GLY C 57 9.07 -8.09 13.16
C GLY C 57 9.41 -6.66 12.83
N ILE C 58 9.46 -6.33 11.55
CA ILE C 58 9.79 -4.96 11.17
C ILE C 58 8.51 -4.13 11.07
N THR C 59 7.55 -4.62 10.30
CA THR C 59 6.30 -3.89 10.10
C THR C 59 5.78 -3.35 11.42
N ARG C 60 5.47 -4.24 12.34
CA ARG C 60 4.97 -3.80 13.62
C ARG C 60 5.94 -2.81 14.26
N ASN C 61 7.22 -3.16 14.22
CA ASN C 61 8.22 -2.29 14.82
C ASN C 61 8.36 -0.94 14.13
N VAL C 62 8.56 -0.91 12.81
CA VAL C 62 8.67 0.38 12.14
C VAL C 62 7.40 1.16 12.42
N VAL C 63 6.25 0.49 12.30
CA VAL C 63 4.97 1.14 12.55
C VAL C 63 4.89 1.72 13.96
N ASN C 64 5.49 1.04 14.93
CA ASN C 64 5.46 1.56 16.29
C ASN C 64 6.40 2.75 16.39
N TYR C 65 7.57 2.62 15.78
CA TYR C 65 8.56 3.66 15.82
C TYR C 65 8.10 4.91 15.09
N LEU C 66 7.28 4.73 14.06
CA LEU C 66 6.82 5.86 13.28
C LEU C 66 5.63 6.61 13.86
N SER C 67 5.16 6.16 15.01
CA SER C 67 4.03 6.81 15.66
C SER C 67 4.38 7.09 17.12
N ILE C 68 5.34 7.99 17.33
CA ILE C 68 5.78 8.37 18.66
C ILE C 68 6.07 9.87 18.72
N ILE C 95 16.23 20.34 18.12
CA ILE C 95 17.19 20.32 17.01
C ILE C 95 18.29 21.36 17.23
N SER C 96 19.45 21.07 16.66
CA SER C 96 20.61 21.94 16.76
C SER C 96 20.92 22.54 15.41
N LYS C 97 21.19 23.83 15.37
CA LYS C 97 21.51 24.48 14.11
C LYS C 97 22.97 24.90 14.08
N MET C 98 23.59 25.06 15.26
CA MET C 98 24.99 25.45 15.32
C MET C 98 25.93 24.25 15.10
N SER C 99 27.18 24.55 14.75
CA SER C 99 28.17 23.49 14.49
C SER C 99 28.74 22.89 15.76
N ASP C 100 29.33 21.71 15.63
CA ASP C 100 29.93 21.01 16.76
C ASP C 100 30.99 21.93 17.36
N GLU C 101 31.69 22.62 16.47
CA GLU C 101 32.75 23.55 16.83
C GLU C 101 32.19 24.77 17.54
N SER C 102 31.24 25.44 16.90
CA SER C 102 30.61 26.62 17.50
C SER C 102 30.09 26.25 18.89
N PHE C 103 29.21 25.27 18.94
CA PHE C 103 28.67 24.83 20.22
C PHE C 103 29.78 24.96 21.25
N ALA C 104 30.82 24.15 21.06
CA ALA C 104 31.97 24.15 21.95
C ALA C 104 32.42 25.54 22.37
N GLU C 105 32.69 26.41 21.41
CA GLU C 105 33.13 27.76 21.74
C GLU C 105 32.16 28.36 22.73
N LEU C 106 30.92 28.48 22.28
CA LEU C 106 29.85 29.02 23.07
C LEU C 106 29.77 28.32 24.41
N MET C 107 29.51 27.02 24.34
CA MET C 107 29.37 26.20 25.52
C MET C 107 30.50 26.42 26.49
N THR C 108 31.65 26.85 25.99
CA THR C 108 32.80 27.11 26.85
C THR C 108 32.70 28.52 27.41
N LYS C 109 32.46 29.49 26.53
CA LYS C 109 32.37 30.88 26.96
C LYS C 109 31.33 31.05 28.07
N LEU C 110 30.18 30.40 27.91
CA LEU C 110 29.13 30.50 28.93
C LEU C 110 29.68 30.08 30.28
N ASN C 111 30.46 29.00 30.31
CA ASN C 111 31.02 28.51 31.56
C ASN C 111 31.84 29.57 32.27
N SER C 112 32.19 30.62 31.53
CA SER C 112 32.96 31.73 32.08
C SER C 112 32.15 32.49 33.13
N PHE C 113 30.84 32.25 33.17
CA PHE C 113 29.95 32.93 34.11
C PHE C 113 29.33 32.01 35.16
N LYS C 114 28.89 32.62 36.26
CA LYS C 114 28.27 31.88 37.36
C LYS C 114 26.82 31.50 37.09
N LEU C 115 26.60 30.72 36.03
CA LEU C 115 25.26 30.28 35.64
C LEU C 115 24.94 28.86 36.13
N PHE C 116 23.72 28.41 35.87
CA PHE C 116 23.27 27.09 36.31
C PHE C 116 23.26 26.02 35.22
N LYS C 117 23.12 24.77 35.66
CA LYS C 117 23.08 23.64 34.75
C LYS C 117 22.04 23.89 33.67
N ALA C 118 20.78 23.95 34.09
CA ALA C 118 19.66 24.18 33.18
C ALA C 118 19.71 25.51 32.44
N GLU C 119 20.32 26.51 33.06
CA GLU C 119 20.42 27.83 32.42
C GLU C 119 21.32 27.82 31.18
N LYS C 120 22.52 27.25 31.29
CA LYS C 120 23.43 27.19 30.14
C LYS C 120 22.72 26.38 29.06
N LEU C 121 22.13 25.27 29.48
CA LEU C 121 21.39 24.41 28.56
C LEU C 121 20.32 25.17 27.79
N GLN C 122 19.56 26.02 28.48
CA GLN C 122 18.51 26.82 27.84
C GLN C 122 19.14 27.89 26.92
N ILE C 123 20.06 28.66 27.47
CA ILE C 123 20.75 29.71 26.71
C ILE C 123 21.21 29.13 25.37
N VAL C 124 21.78 27.94 25.45
CA VAL C 124 22.30 27.24 24.28
C VAL C 124 21.25 26.75 23.30
N ASN C 125 20.16 26.20 23.82
CA ASN C 125 19.10 25.67 22.96
C ASN C 125 18.29 26.76 22.28
N GLN C 126 18.05 27.85 23.00
CA GLN C 126 17.29 28.97 22.47
C GLN C 126 18.06 30.28 22.63
N LEU C 127 19.20 30.37 21.95
CA LEU C 127 20.05 31.56 22.01
C LEU C 127 19.25 32.83 22.19
N PRO C 128 19.28 33.42 23.39
CA PRO C 128 18.53 34.65 23.61
C PRO C 128 19.20 35.85 22.93
N ALA C 129 18.43 36.58 22.14
CA ALA C 129 18.93 37.75 21.43
C ALA C 129 18.95 39.02 22.28
N ASN C 130 17.75 39.41 22.72
CA ASN C 130 17.53 40.62 23.53
C ASN C 130 17.62 40.41 25.04
N MET C 131 17.53 41.51 25.77
CA MET C 131 17.61 41.49 27.23
C MET C 131 16.39 40.84 27.94
N VAL C 132 15.26 40.79 27.25
CA VAL C 132 14.06 40.20 27.83
C VAL C 132 14.19 38.68 27.87
N HIS C 133 14.52 38.08 26.72
CA HIS C 133 14.67 36.64 26.59
C HIS C 133 15.75 36.10 27.52
N LEU C 134 16.85 36.84 27.66
CA LEU C 134 17.93 36.42 28.54
C LEU C 134 17.44 36.43 29.99
N TYR C 135 16.91 37.56 30.45
CA TYR C 135 16.38 37.63 31.81
C TYR C 135 15.27 36.58 31.98
N SER C 136 14.57 36.29 30.88
CA SER C 136 13.50 35.32 30.87
C SER C 136 13.97 33.90 31.19
N ILE C 137 15.29 33.72 31.24
CA ILE C 137 15.90 32.42 31.52
C ILE C 137 16.74 32.46 32.79
N VAL C 138 17.66 33.44 32.84
CA VAL C 138 18.53 33.63 33.99
C VAL C 138 17.80 34.38 35.09
N GLU C 139 17.31 33.66 36.09
CA GLU C 139 16.57 34.29 37.17
C GLU C 139 17.42 35.22 38.04
N GLU C 140 16.84 36.37 38.35
CA GLU C 140 17.50 37.36 39.19
C GLU C 140 18.87 37.74 38.65
N CYS C 141 18.91 38.52 37.58
CA CYS C 141 20.17 38.96 36.99
C CYS C 141 20.73 40.19 37.70
N ASP C 142 19.87 41.19 37.87
CA ASP C 142 20.24 42.45 38.51
C ASP C 142 21.06 42.34 39.79
N ALA C 143 20.77 41.32 40.60
CA ALA C 143 21.50 41.14 41.87
C ALA C 143 22.55 40.03 41.78
N ARG C 144 22.60 39.37 40.63
CA ARG C 144 23.53 38.27 40.42
C ARG C 144 24.64 38.62 39.42
N PHE C 145 24.47 39.72 38.69
CA PHE C 145 25.46 40.17 37.72
C PHE C 145 25.60 41.70 37.71
N ASP C 146 26.31 42.21 36.70
CA ASP C 146 26.52 43.65 36.56
C ASP C 146 26.17 44.11 35.15
N GLU C 147 25.94 45.40 34.99
CA GLU C 147 25.59 45.97 33.69
C GLU C 147 26.57 45.52 32.59
N LYS C 148 27.87 45.72 32.81
CA LYS C 148 28.89 45.34 31.85
C LYS C 148 28.77 43.86 31.50
N THR C 149 28.77 43.04 32.55
CA THR C 149 28.69 41.59 32.41
C THR C 149 27.50 41.15 31.55
N ILE C 150 26.29 41.46 31.99
CA ILE C 150 25.08 41.10 31.25
C ILE C 150 25.11 41.61 29.82
N GLU C 151 26.00 42.56 29.56
CA GLU C 151 26.14 43.09 28.22
C GLU C 151 26.91 42.03 27.44
N GLU C 152 28.03 41.59 28.02
CA GLU C 152 28.86 40.56 27.41
C GLU C 152 28.05 39.35 26.99
N MET C 153 27.52 38.63 27.97
CA MET C 153 26.73 37.44 27.70
C MET C 153 25.86 37.65 26.48
N LEU C 154 25.23 38.82 26.40
CA LEU C 154 24.38 39.14 25.26
C LEU C 154 25.22 39.17 24.01
N GLU C 155 26.33 39.90 24.04
CA GLU C 155 27.23 39.99 22.90
C GLU C 155 27.66 38.60 22.47
N ILE C 156 28.15 37.84 23.45
CA ILE C 156 28.62 36.48 23.21
C ILE C 156 27.58 35.61 22.54
N ILE C 157 26.47 35.37 23.23
CA ILE C 157 25.42 34.52 22.70
C ILE C 157 24.99 34.98 21.32
N SER C 158 24.85 36.29 21.12
CA SER C 158 24.43 36.84 19.84
C SER C 158 25.30 36.36 18.68
N ALA C 159 26.57 36.09 18.96
CA ALA C 159 27.52 35.65 17.94
C ALA C 159 27.07 34.43 17.14
N TYR C 160 26.36 33.50 17.79
CA TYR C 160 25.94 32.29 17.10
C TYR C 160 24.48 32.34 16.62
N ALA C 161 24.06 33.42 16.12
N MET D 1 14.17 9.47 5.52
CA MET D 1 14.80 8.33 6.28
C MET D 1 14.67 7.02 5.55
N PHE D 2 13.45 6.69 5.13
CA PHE D 2 13.24 5.46 4.40
C PHE D 2 13.35 5.72 2.91
N ILE D 3 13.44 4.66 2.13
CA ILE D 3 13.59 4.78 0.71
C ILE D 3 12.99 3.60 -0.03
N LEU D 4 12.96 3.70 -1.35
CA LEU D 4 12.46 2.64 -2.22
C LEU D 4 13.60 2.35 -3.17
N SER D 5 13.99 1.09 -3.31
CA SER D 5 15.08 0.72 -4.21
C SER D 5 14.58 -0.20 -5.32
N LYS D 6 14.78 0.21 -6.57
CA LYS D 6 14.35 -0.59 -7.72
C LYS D 6 15.31 -1.78 -7.79
N ILE D 7 14.78 -2.96 -7.52
CA ILE D 7 15.57 -4.19 -7.50
C ILE D 7 15.12 -5.21 -8.52
N ALA D 8 16.08 -5.87 -9.17
CA ALA D 8 15.77 -6.93 -10.14
C ALA D 8 16.24 -8.22 -9.48
N ASP D 9 15.59 -9.34 -9.77
CA ASP D 9 15.95 -10.61 -9.17
C ASP D 9 15.22 -11.74 -9.89
N LEU D 10 15.53 -12.99 -9.54
CA LEU D 10 14.86 -14.13 -10.13
C LEU D 10 13.98 -14.72 -9.04
N VAL D 11 12.75 -15.08 -9.38
CA VAL D 11 11.87 -15.65 -8.37
C VAL D 11 11.49 -17.09 -8.67
N ARG D 12 11.79 -17.95 -7.71
CA ARG D 12 11.51 -19.37 -7.82
C ARG D 12 10.15 -19.67 -7.21
N ILE D 13 9.24 -20.16 -8.04
CA ILE D 13 7.90 -20.49 -7.58
C ILE D 13 7.68 -22.01 -7.63
N PRO D 14 7.50 -22.63 -6.46
CA PRO D 14 7.29 -24.09 -6.35
C PRO D 14 6.08 -24.58 -7.17
N PRO D 15 5.89 -25.91 -7.24
CA PRO D 15 4.77 -26.47 -8.00
C PRO D 15 3.44 -26.11 -7.34
N ASP D 16 3.54 -25.61 -6.11
CA ASP D 16 2.37 -25.21 -5.34
C ASP D 16 1.93 -23.81 -5.74
N GLN D 17 1.33 -23.69 -6.91
CA GLN D 17 0.85 -22.42 -7.43
C GLN D 17 -0.68 -22.36 -7.40
N PHE D 18 -1.26 -23.14 -6.48
CA PHE D 18 -2.72 -23.20 -6.32
C PHE D 18 -3.18 -22.00 -5.49
N HIS D 19 -2.55 -21.86 -4.32
CA HIS D 19 -2.87 -20.79 -3.36
C HIS D 19 -3.40 -19.49 -3.94
N ARG D 20 -2.52 -18.52 -4.20
CA ARG D 20 -2.93 -17.24 -4.74
C ARG D 20 -2.42 -16.94 -6.15
N ASP D 21 -2.86 -15.81 -6.70
CA ASP D 21 -2.45 -15.41 -8.04
C ASP D 21 -0.94 -15.42 -8.19
N THR D 22 -0.49 -15.34 -9.43
CA THR D 22 0.94 -15.34 -9.72
C THR D 22 1.62 -14.22 -8.94
N ILE D 23 1.40 -12.98 -9.39
CA ILE D 23 1.97 -11.80 -8.78
C ILE D 23 2.01 -11.76 -7.25
N SER D 24 1.00 -12.29 -6.57
CA SER D 24 0.98 -12.29 -5.10
C SER D 24 1.97 -13.30 -4.52
N ALA D 25 2.06 -14.47 -5.14
CA ALA D 25 2.99 -15.49 -4.68
C ALA D 25 4.41 -14.95 -4.83
N ILE D 26 4.67 -14.30 -5.97
CA ILE D 26 5.97 -13.70 -6.21
C ILE D 26 6.36 -12.89 -4.99
N THR D 27 5.52 -11.91 -4.66
CA THR D 27 5.74 -11.03 -3.52
C THR D 27 6.01 -11.83 -2.25
N HIS D 28 5.47 -13.05 -2.16
CA HIS D 28 5.72 -13.87 -0.99
C HIS D 28 7.17 -14.34 -1.02
N GLN D 29 7.60 -14.83 -2.18
CA GLN D 29 8.97 -15.29 -2.33
C GLN D 29 9.94 -14.12 -2.11
N LEU D 30 9.55 -12.93 -2.54
CA LEU D 30 10.38 -11.75 -2.39
C LEU D 30 10.59 -11.34 -0.94
N ASN D 31 9.54 -11.39 -0.13
CA ASN D 31 9.70 -11.02 1.27
C ASN D 31 10.55 -12.06 1.97
N ASN D 32 10.50 -13.30 1.48
CA ASN D 32 11.31 -14.35 2.08
C ASN D 32 12.78 -13.95 2.01
N LYS D 33 13.25 -13.67 0.81
CA LYS D 33 14.65 -13.30 0.59
C LYS D 33 15.02 -11.88 0.98
N PHE D 34 14.05 -11.00 1.17
CA PHE D 34 14.39 -9.63 1.53
C PHE D 34 13.75 -9.06 2.78
N ALA D 35 12.63 -9.62 3.21
CA ALA D 35 11.99 -9.08 4.40
C ALA D 35 12.91 -9.09 5.61
N ASN D 36 13.28 -7.90 6.08
CA ASN D 36 14.15 -7.76 7.25
C ASN D 36 15.53 -8.35 7.01
N LYS D 37 15.96 -8.33 5.75
CA LYS D 37 17.27 -8.85 5.37
C LYS D 37 18.08 -7.71 4.76
N ILE D 38 19.32 -7.56 5.21
CA ILE D 38 20.15 -6.47 4.73
C ILE D 38 20.56 -6.59 3.25
N ILE D 39 20.78 -5.44 2.62
CA ILE D 39 21.16 -5.40 1.23
C ILE D 39 22.60 -4.90 1.07
N PRO D 40 23.46 -5.71 0.44
CA PRO D 40 24.88 -5.42 0.20
C PRO D 40 25.35 -4.00 0.51
N ASN D 41 25.27 -3.11 -0.46
CA ASN D 41 25.72 -1.74 -0.25
C ASN D 41 24.60 -0.74 -0.31
N VAL D 42 23.48 -1.09 0.32
CA VAL D 42 22.31 -0.23 0.32
C VAL D 42 21.83 0.12 1.75
N GLY D 43 21.25 -0.86 2.42
CA GLY D 43 20.77 -0.64 3.76
C GLY D 43 19.85 -1.78 4.16
N LEU D 44 18.97 -1.52 5.13
CA LEU D 44 18.03 -2.52 5.60
C LEU D 44 16.68 -2.48 4.91
N CYS D 45 16.38 -3.51 4.11
CA CYS D 45 15.10 -3.60 3.43
C CYS D 45 14.02 -4.07 4.41
N ILE D 46 12.83 -3.49 4.29
CA ILE D 46 11.75 -3.85 5.17
C ILE D 46 10.73 -4.73 4.48
N THR D 47 10.17 -4.26 3.38
CA THR D 47 9.16 -5.04 2.67
C THR D 47 9.17 -4.67 1.20
N ILE D 48 8.49 -5.47 0.40
CA ILE D 48 8.40 -5.14 -1.00
C ILE D 48 7.26 -4.13 -1.09
N TYR D 49 7.54 -3.00 -1.70
CA TYR D 49 6.53 -1.97 -1.86
C TYR D 49 5.57 -2.45 -2.95
N ASP D 50 6.08 -2.49 -4.18
CA ASP D 50 5.30 -2.92 -5.33
C ASP D 50 6.18 -3.49 -6.42
N LEU D 51 5.68 -4.49 -7.13
CA LEU D 51 6.43 -5.09 -8.21
C LEU D 51 6.23 -4.24 -9.46
N LEU D 52 7.33 -3.92 -10.15
CA LEU D 52 7.23 -3.11 -11.36
C LEU D 52 7.02 -3.96 -12.62
N THR D 53 7.89 -4.94 -12.84
CA THR D 53 7.86 -5.79 -14.02
C THR D 53 7.78 -7.28 -13.73
N VAL D 54 7.05 -8.01 -14.59
CA VAL D 54 6.93 -9.46 -14.45
C VAL D 54 6.83 -10.11 -15.83
N GLU D 55 7.67 -11.12 -16.07
CA GLU D 55 7.67 -11.82 -17.35
C GLU D 55 7.20 -13.27 -17.20
N GLU D 56 7.36 -14.05 -18.27
CA GLU D 56 6.94 -15.45 -18.26
C GLU D 56 7.96 -16.33 -17.54
N GLY D 57 7.53 -17.50 -17.12
CA GLY D 57 8.41 -18.42 -16.42
C GLY D 57 8.93 -19.56 -17.27
N GLN D 58 9.87 -20.33 -16.71
CA GLN D 58 10.45 -21.49 -17.40
C GLN D 58 10.41 -22.73 -16.53
N TYR D 67 10.36 -20.22 -13.08
CA TYR D 67 11.22 -19.11 -12.68
C TYR D 67 10.83 -17.82 -13.40
N ILE D 68 10.75 -16.72 -12.68
CA ILE D 68 10.37 -15.44 -13.27
C ILE D 68 11.33 -14.29 -13.00
N ASN D 69 11.58 -13.47 -14.02
CA ASN D 69 12.46 -12.32 -13.89
C ASN D 69 11.67 -11.12 -13.39
N VAL D 70 11.68 -10.94 -12.07
CA VAL D 70 10.96 -9.84 -11.45
C VAL D 70 11.77 -8.56 -11.32
N THR D 71 11.07 -7.43 -11.42
CA THR D 71 11.66 -6.11 -11.30
C THR D 71 10.74 -5.33 -10.37
N PHE D 72 11.16 -5.18 -9.13
CA PHE D 72 10.33 -4.47 -8.16
C PHE D 72 11.08 -3.33 -7.52
N ARG D 73 10.65 -2.96 -6.33
CA ARG D 73 11.28 -1.91 -5.57
C ARG D 73 10.70 -2.02 -4.18
N ALA D 74 11.58 -2.27 -3.22
CA ALA D 74 11.18 -2.44 -1.84
C ALA D 74 11.51 -1.22 -1.01
N VAL D 75 10.81 -1.11 0.12
CA VAL D 75 10.98 -0.02 1.07
C VAL D 75 12.20 -0.39 1.91
N VAL D 76 13.17 0.50 1.95
CA VAL D 76 14.41 0.24 2.69
C VAL D 76 14.75 1.27 3.75
N PHE D 77 15.28 0.80 4.88
CA PHE D 77 15.70 1.66 5.97
C PHE D 77 17.11 2.10 5.61
N LYS D 78 17.37 3.41 5.66
CA LYS D 78 18.68 3.91 5.30
C LYS D 78 18.86 5.36 5.72
N PRO D 79 19.05 5.62 7.02
CA PRO D 79 19.23 7.01 7.42
C PRO D 79 20.24 7.64 6.46
N PHE D 80 20.05 8.91 6.12
CA PHE D 80 20.97 9.57 5.18
C PHE D 80 22.06 10.31 5.96
N LEU D 81 23.11 10.70 5.27
CA LEU D 81 24.22 11.40 5.91
C LEU D 81 23.84 12.80 6.36
N GLY D 82 23.77 13.01 7.66
CA GLY D 82 23.44 14.31 8.19
C GLY D 82 22.21 14.25 9.06
N GLU D 83 21.28 13.40 8.64
CA GLU D 83 20.02 13.20 9.35
C GLU D 83 20.15 13.20 10.86
N ILE D 84 19.09 13.59 11.53
CA ILE D 84 19.08 13.60 12.96
C ILE D 84 18.10 12.52 13.35
N VAL D 85 18.65 11.40 13.80
CA VAL D 85 17.81 10.29 14.21
C VAL D 85 17.70 10.26 15.71
N THR D 86 16.64 9.63 16.18
CA THR D 86 16.39 9.53 17.61
C THR D 86 16.04 8.10 17.94
N GLY D 87 16.59 7.63 19.05
CA GLY D 87 16.35 6.27 19.49
C GLY D 87 16.62 6.17 20.96
N TRP D 88 16.85 4.94 21.42
CA TRP D 88 17.13 4.68 22.82
C TRP D 88 18.50 4.04 22.96
N ILE D 89 19.22 4.43 24.00
CA ILE D 89 20.54 3.91 24.27
C ILE D 89 20.46 2.44 24.70
N SER D 90 20.91 1.56 23.82
CA SER D 90 20.89 0.11 24.05
C SER D 90 21.86 -0.41 25.08
N LYS D 91 23.15 -0.33 24.76
CA LYS D 91 24.23 -0.79 25.63
C LYS D 91 25.24 0.31 25.87
N CYS D 92 25.73 0.43 27.10
CA CYS D 92 26.71 1.45 27.45
C CYS D 92 28.07 0.82 27.75
N THR D 93 28.90 0.79 26.71
CA THR D 93 30.25 0.22 26.76
C THR D 93 31.29 1.35 26.86
N ALA D 94 32.46 1.06 27.39
CA ALA D 94 33.48 2.10 27.51
C ALA D 94 34.17 2.47 26.21
N GLU D 95 33.71 1.88 25.10
CA GLU D 95 34.26 2.18 23.78
C GLU D 95 33.39 3.20 23.07
N GLY D 96 32.16 3.33 23.55
CA GLY D 96 31.22 4.26 22.95
C GLY D 96 29.81 3.92 23.40
N ILE D 97 28.79 4.42 22.70
CA ILE D 97 27.41 4.13 23.06
C ILE D 97 26.68 3.40 21.95
N LYS D 98 25.91 2.39 22.32
CA LYS D 98 25.11 1.63 21.35
C LYS D 98 23.71 2.22 21.41
N VAL D 99 23.09 2.39 20.25
CA VAL D 99 21.77 2.97 20.22
C VAL D 99 20.83 2.10 19.39
N SER D 100 19.57 2.02 19.82
CA SER D 100 18.57 1.23 19.12
C SER D 100 17.27 1.96 18.83
N LEU D 101 16.70 1.65 17.67
CA LEU D 101 15.45 2.23 17.24
C LEU D 101 14.46 1.09 17.30
N LEU D 102 14.27 0.51 18.48
CA LEU D 102 13.35 -0.61 18.64
C LEU D 102 13.58 -1.64 17.53
N GLY D 103 12.81 -2.71 17.58
CA GLY D 103 12.94 -3.79 16.61
C GLY D 103 13.65 -3.51 15.30
N ILE D 104 13.40 -2.35 14.71
CA ILE D 104 13.99 -2.00 13.43
C ILE D 104 15.49 -2.20 13.28
N PHE D 105 16.27 -1.46 14.06
CA PHE D 105 17.74 -1.53 13.96
C PHE D 105 18.39 -1.41 15.30
N ASP D 106 19.51 -2.11 15.47
CA ASP D 106 20.25 -2.08 16.72
C ASP D 106 21.71 -1.71 16.44
N ASP D 107 22.15 -1.93 15.21
CA ASP D 107 23.54 -1.66 14.82
C ASP D 107 23.88 -0.19 14.55
N ILE D 108 23.67 0.64 15.57
CA ILE D 108 23.99 2.05 15.49
C ILE D 108 24.93 2.33 16.65
N PHE D 109 26.14 2.75 16.34
CA PHE D 109 27.08 3.03 17.41
C PHE D 109 27.48 4.49 17.43
N ILE D 110 27.72 4.98 18.63
CA ILE D 110 28.13 6.35 18.91
C ILE D 110 29.40 6.29 19.80
N PRO D 111 30.60 6.42 19.20
CA PRO D 111 31.89 6.39 19.87
C PRO D 111 32.30 7.67 20.58
N GLN D 112 33.24 7.55 21.52
CA GLN D 112 33.71 8.68 22.32
C GLN D 112 34.34 9.83 21.52
N ASN D 113 34.74 9.57 20.28
CA ASN D 113 35.32 10.65 19.49
C ASN D 113 34.15 11.39 18.85
N MET D 114 32.95 11.02 19.26
CA MET D 114 31.75 11.64 18.72
C MET D 114 30.77 12.12 19.78
N LEU D 115 31.26 12.31 20.99
CA LEU D 115 30.44 12.83 22.06
C LEU D 115 31.04 14.20 22.33
N PHE D 116 30.47 14.96 23.24
CA PHE D 116 31.01 16.28 23.54
C PHE D 116 32.37 16.08 24.18
N GLU D 117 33.24 17.07 24.10
CA GLU D 117 34.54 16.95 24.73
C GLU D 117 34.33 16.65 26.21
N GLY D 118 35.27 15.95 26.82
CA GLY D 118 35.18 15.67 28.24
C GLY D 118 34.41 14.43 28.63
N CYS D 119 33.58 13.95 27.72
CA CYS D 119 32.77 12.76 27.97
C CYS D 119 33.65 11.57 28.28
N TYR D 120 33.20 10.76 29.23
CA TYR D 120 33.96 9.59 29.64
C TYR D 120 33.07 8.46 30.12
N TYR D 121 33.70 7.37 30.55
CA TYR D 121 32.99 6.19 31.00
C TYR D 121 33.22 5.86 32.47
N THR D 122 32.16 5.49 33.17
CA THR D 122 32.27 5.10 34.57
C THR D 122 31.72 3.68 34.62
N PRO D 123 32.60 2.68 34.74
CA PRO D 123 32.22 1.27 34.78
C PRO D 123 31.35 0.77 35.93
N GLU D 124 31.32 1.49 37.06
CA GLU D 124 30.49 1.05 38.16
C GLU D 124 28.99 1.34 37.95
N GLU D 125 28.69 2.37 37.17
CA GLU D 125 27.31 2.75 36.88
C GLU D 125 26.98 2.50 35.41
N SER D 126 27.77 1.64 34.78
CA SER D 126 27.61 1.28 33.37
C SER D 126 27.06 2.39 32.47
N ALA D 127 27.48 3.63 32.72
CA ALA D 127 27.01 4.76 31.93
C ALA D 127 28.12 5.75 31.58
N TRP D 128 27.88 6.56 30.55
CA TRP D 128 28.82 7.58 30.12
C TRP D 128 28.50 8.93 30.78
N ILE D 129 29.50 9.78 30.97
CA ILE D 129 29.22 11.08 31.58
C ILE D 129 29.71 12.26 30.73
N TRP D 130 28.87 13.28 30.65
CA TRP D 130 29.22 14.48 29.92
C TRP D 130 29.40 15.59 30.95
N PRO D 131 30.64 16.04 31.15
CA PRO D 131 30.83 17.12 32.11
C PRO D 131 30.61 18.43 31.39
N MET D 132 29.72 19.26 31.92
CA MET D 132 29.44 20.52 31.29
C MET D 132 30.45 21.53 31.80
N ASP D 133 30.54 21.65 33.12
CA ASP D 133 31.49 22.56 33.75
C ASP D 133 32.30 21.78 34.78
N GLU D 134 33.26 22.46 35.40
CA GLU D 134 34.12 21.85 36.39
C GLU D 134 33.37 21.31 37.62
N GLU D 135 32.07 21.12 37.51
CA GLU D 135 31.28 20.63 38.63
C GLU D 135 30.07 19.78 38.27
N THR D 136 29.31 20.22 37.27
CA THR D 136 28.12 19.50 36.83
C THR D 136 28.38 18.29 35.94
N LYS D 137 27.50 17.30 36.02
CA LYS D 137 27.64 16.07 35.23
C LYS D 137 26.27 15.59 34.71
N LEU D 138 26.23 15.11 33.46
CA LEU D 138 24.98 14.59 32.87
C LEU D 138 25.24 13.12 32.52
N TYR D 139 24.27 12.24 32.80
CA TYR D 139 24.48 10.82 32.51
C TYR D 139 23.68 10.22 31.34
N PHE D 140 24.39 9.64 30.38
CA PHE D 140 23.79 8.96 29.23
C PHE D 140 23.45 7.55 29.74
N ASP D 141 22.17 7.20 29.80
CA ASP D 141 21.85 5.85 30.28
C ASP D 141 21.19 4.92 29.27
N VAL D 142 20.96 3.69 29.70
CA VAL D 142 20.33 2.70 28.84
C VAL D 142 18.83 2.83 28.93
N ASN D 143 18.17 2.54 27.80
CA ASN D 143 16.73 2.62 27.72
C ASN D 143 16.31 4.10 27.66
N GLU D 144 17.28 4.99 27.81
CA GLU D 144 17.00 6.41 27.77
C GLU D 144 16.92 6.94 26.33
N LYS D 145 16.16 8.01 26.16
CA LYS D 145 15.96 8.63 24.86
C LYS D 145 17.16 9.49 24.49
N ILE D 146 17.76 9.22 23.33
CA ILE D 146 18.91 9.97 22.88
C ILE D 146 18.77 10.44 21.42
N ARG D 147 19.28 11.63 21.15
CA ARG D 147 19.22 12.18 19.80
C ARG D 147 20.64 12.32 19.31
N PHE D 148 20.93 11.61 18.22
CA PHE D 148 22.25 11.59 17.63
C PHE D 148 22.21 12.00 16.17
N ARG D 149 23.38 12.23 15.59
CA ARG D 149 23.48 12.60 14.17
C ARG D 149 24.17 11.46 13.39
N ILE D 150 23.48 10.96 12.36
CA ILE D 150 24.01 9.89 11.53
C ILE D 150 25.30 10.43 10.90
N GLU D 151 26.43 9.81 11.22
CA GLU D 151 27.74 10.25 10.74
C GLU D 151 28.38 9.42 9.64
N ARG D 152 28.22 8.09 9.69
CA ARG D 152 28.79 7.25 8.64
C ARG D 152 28.04 5.95 8.44
N GLU D 153 28.10 5.46 7.20
CA GLU D 153 27.49 4.18 6.81
C GLU D 153 28.63 3.16 6.70
N VAL D 154 28.52 2.07 7.46
CA VAL D 154 29.52 1.02 7.48
C VAL D 154 29.03 -0.26 6.79
N PHE D 155 29.71 -0.63 5.70
CA PHE D 155 29.36 -1.83 4.96
C PHE D 155 30.45 -2.90 4.97
N VAL D 156 30.02 -4.16 5.05
CA VAL D 156 30.93 -5.29 5.07
C VAL D 156 30.29 -6.46 4.33
N ASP D 157 31.13 -7.24 3.65
CA ASP D 157 30.64 -8.40 2.91
C ASP D 157 30.44 -9.59 3.85
N VAL D 158 29.44 -9.51 4.71
CA VAL D 158 29.14 -10.58 5.65
C VAL D 158 28.06 -11.50 5.08
N PRO D 191 30.20 -9.12 13.36
CA PRO D 191 30.31 -7.92 12.52
C PRO D 191 29.15 -7.78 11.51
N PRO D 192 28.24 -6.81 11.76
CA PRO D 192 27.06 -6.52 10.91
C PRO D 192 27.39 -6.01 9.52
N ALA D 193 26.70 -6.51 8.51
CA ALA D 193 26.93 -6.09 7.12
C ALA D 193 26.45 -4.67 6.86
N TYR D 194 25.84 -4.07 7.88
CA TYR D 194 25.33 -2.70 7.81
C TYR D 194 25.26 -2.14 9.22
N ALA D 195 25.95 -1.03 9.44
CA ALA D 195 25.96 -0.36 10.74
C ALA D 195 26.15 1.14 10.57
N LEU D 196 25.75 1.90 11.59
CA LEU D 196 25.84 3.36 11.52
C LEU D 196 26.61 3.96 12.67
N LEU D 197 27.32 5.03 12.36
CA LEU D 197 28.06 5.71 13.39
C LEU D 197 27.33 7.01 13.66
N GLY D 198 26.99 7.24 14.91
CA GLY D 198 26.29 8.46 15.27
C GLY D 198 27.10 9.33 16.20
N SER D 199 26.67 10.58 16.36
CA SER D 199 27.36 11.51 17.23
C SER D 199 26.41 12.34 18.07
N CYS D 200 26.97 13.04 19.05
CA CYS D 200 26.22 13.91 19.96
C CYS D 200 27.16 15.03 20.33
N GLN D 201 27.51 15.86 19.35
CA GLN D 201 28.45 16.93 19.62
C GLN D 201 27.89 18.34 19.55
N THR D 202 26.57 18.45 19.40
CA THR D 202 25.93 19.77 19.33
C THR D 202 24.77 19.89 20.30
N ASP D 203 24.19 21.08 20.39
CA ASP D 203 23.08 21.32 21.28
C ASP D 203 21.88 20.49 20.84
N GLY D 204 21.03 20.11 21.79
CA GLY D 204 19.87 19.32 21.43
C GLY D 204 20.17 17.86 21.15
N MET D 205 21.46 17.52 21.10
CA MET D 205 21.86 16.15 20.86
C MET D 205 22.06 15.50 22.20
N GLY D 206 22.14 14.17 22.22
CA GLY D 206 22.32 13.49 23.48
C GLY D 206 20.99 13.06 24.06
N LEU D 207 20.86 13.12 25.38
CA LEU D 207 19.61 12.75 26.03
C LEU D 207 18.59 13.81 25.73
N VAL D 208 17.37 13.39 25.41
CA VAL D 208 16.32 14.35 25.13
C VAL D 208 15.93 15.01 26.43
N SER D 209 15.77 14.22 27.47
CA SER D 209 15.41 14.76 28.77
C SER D 209 16.39 15.84 29.23
N TRP D 210 17.30 16.22 28.35
CA TRP D 210 18.30 17.22 28.68
C TRP D 210 17.88 18.60 28.25
N TRP D 211 17.23 18.68 27.10
CA TRP D 211 16.78 19.96 26.58
C TRP D 211 15.27 20.11 26.72
N GLU D 212 14.64 19.15 27.40
CA GLU D 212 13.19 19.09 27.64
C GLU D 212 12.47 20.44 27.65
N HIS D 213 13.07 21.41 28.34
CA HIS D 213 12.53 22.76 28.49
C HIS D 213 11.79 22.91 29.82
N HIS D 214 12.42 22.46 30.90
CA HIS D 214 11.80 22.57 32.22
C HIS D 214 12.46 23.67 33.05
N HIS D 215 11.62 24.53 33.62
CA HIS D 215 12.07 25.66 34.43
C HIS D 215 12.63 25.28 35.80
N HIS D 216 13.30 26.24 36.43
CA HIS D 216 13.90 26.05 37.75
C HIS D 216 13.07 26.85 38.77
N HIS D 217 13.31 26.71 39.98
#